data_4AG2
#
_entry.id   4AG2
#
_cell.length_a   56.937
_cell.length_b   64.124
_cell.length_c   174.987
_cell.angle_alpha   90.00
_cell.angle_beta   90.00
_cell.angle_gamma   90.00
#
_symmetry.space_group_name_H-M   'P 21 21 21'
#
loop_
_entity.id
_entity.type
_entity.pdbx_description
1 polymer CHYMASE
2 polymer FYNOMER
3 non-polymer '2-(N-MORPHOLINO)-ETHANESULFONIC ACID'
4 non-polymer '(2S)-2-hydroxybutanedioic acid'
5 non-polymer 'SODIUM ION'
6 water water
#
loop_
_entity_poly.entity_id
_entity_poly.type
_entity_poly.pdbx_seq_one_letter_code
_entity_poly.pdbx_strand_id
1 'polypeptide(L)'
;IIGGTECKPHSRPYMAYLEIVTSNGPSKFCGGFLIRRNFVLTAAHCAGRSITVTLGAHNITEEEDTWQKLEVIKQFRHPK
YNTSTLHHDIMLLKLKEKASLTLAVGTLPFPSQFNFVPPGRMCRVAGWGRTGVLKPGSDTLQEVKLRLMDPQACSHFRDF
DHNLQLCVGNPRKTKSAFKGDSGGPLLCAGVAQGIVSYGRSDAKPPAVFTRISHYRPWINQILQAN
;
A,B
2 'polypeptide(L)'
;MRGSGVTLFVALYDYNATRWTDLSFHKGEKFQILDGDSGDWWEARSLTTGETGYIPSNYVAPVDSIQGEQKLISEEDLHH
HHHH
;
C,D
#
# COMPACT_ATOMS: atom_id res chain seq x y z
N ILE A 1 1.53 22.64 14.63
CA ILE A 1 0.54 22.90 15.75
C ILE A 1 1.17 22.33 17.01
N ILE A 2 1.38 23.18 18.02
CA ILE A 2 2.03 22.77 19.26
C ILE A 2 0.98 22.64 20.35
N GLY A 3 0.97 21.50 21.03
CA GLY A 3 0.07 21.30 22.16
C GLY A 3 -1.34 20.94 21.79
N GLY A 4 -1.51 20.51 20.54
CA GLY A 4 -2.81 20.17 20.03
C GLY A 4 -3.07 18.68 20.09
N THR A 5 -4.08 18.27 19.34
CA THR A 5 -4.44 16.85 19.23
C THR A 5 -4.71 16.53 17.78
N GLU A 6 -4.50 15.26 17.41
CA GLU A 6 -4.80 14.80 16.07
C GLU A 6 -6.28 15.00 15.79
N CYS A 7 -6.61 15.61 14.64
CA CYS A 7 -8.00 15.77 14.19
C CYS A 7 -8.63 14.43 13.90
N LYS A 8 -9.94 14.32 14.13
CA LYS A 8 -10.68 13.21 13.58
C LYS A 8 -10.50 13.28 12.06
N PRO A 9 -10.07 12.17 11.41
CA PRO A 9 -9.81 12.28 9.96
C PRO A 9 -10.97 12.86 9.18
N HIS A 10 -10.64 13.83 8.32
CA HIS A 10 -11.56 14.48 7.40
C HIS A 10 -12.67 15.30 8.08
N SER A 11 -12.47 15.64 9.35
CA SER A 11 -13.46 16.43 10.10
C SER A 11 -13.38 17.91 9.77
N ARG A 12 -12.29 18.30 9.12
CA ARG A 12 -12.08 19.68 8.69
C ARG A 12 -11.85 19.68 7.18
N PRO A 13 -12.91 19.39 6.39
CA PRO A 13 -12.79 19.07 4.95
C PRO A 13 -12.38 20.25 4.06
N TYR A 14 -12.39 21.46 4.61
CA TYR A 14 -11.89 22.64 3.89
C TYR A 14 -10.35 22.77 3.93
N MET A 15 -9.67 21.98 4.76
CA MET A 15 -8.21 22.16 4.94
C MET A 15 -7.42 21.82 3.67
N ALA A 16 -6.45 22.67 3.34
CA ALA A 16 -5.60 22.50 2.15
C ALA A 16 -4.14 22.44 2.57
N TYR A 17 -3.43 21.46 2.01
CA TYR A 17 -1.99 21.38 2.18
C TYR A 17 -1.34 21.88 0.90
N LEU A 18 -0.47 22.87 1.02
CA LEU A 18 0.13 23.50 -0.16
C LEU A 18 1.59 23.13 -0.29
N GLU A 19 1.98 22.75 -1.50
CA GLU A 19 3.37 22.53 -1.80
C GLU A 19 3.79 23.57 -2.82
N ILE A 20 4.77 24.38 -2.44
CA ILE A 20 5.11 25.56 -3.21
C ILE A 20 6.48 25.38 -3.82
N VAL A 21 6.54 25.41 -5.15
CA VAL A 21 7.80 25.07 -5.84
C VAL A 21 8.57 26.32 -6.23
N THR A 22 9.90 26.22 -6.15
CA THR A 22 10.79 27.07 -6.92
C THR A 22 11.87 26.22 -7.59
N SER A 23 12.10 26.52 -8.86
CA SER A 23 13.12 25.88 -9.70
C SER A 23 14.35 25.41 -8.92
N ASN A 24 14.74 24.16 -9.17
CA ASN A 24 15.97 23.53 -8.66
C ASN A 24 15.92 23.13 -7.18
N GLY A 25 15.88 24.12 -6.29
CA GLY A 25 15.89 23.87 -4.85
C GLY A 25 14.63 23.21 -4.32
N PRO A 26 14.65 22.77 -3.05
CA PRO A 26 13.50 22.06 -2.48
C PRO A 26 12.29 22.99 -2.32
N SER A 27 11.09 22.40 -2.33
CA SER A 27 9.86 23.18 -2.27
C SER A 27 9.55 23.56 -0.83
N LYS A 28 8.56 24.43 -0.61
CA LYS A 28 8.17 24.76 0.76
C LYS A 28 6.70 24.41 0.97
N PHE A 29 6.27 24.35 2.22
CA PHE A 29 4.93 23.88 2.53
C PHE A 29 4.14 24.83 3.41
N CYS A 30 2.84 24.93 3.18
CA CYS A 30 1.96 25.76 4.02
C CYS A 30 0.59 25.09 4.15
N GLY A 31 -0.28 25.66 4.98
CA GLY A 31 -1.70 25.33 4.96
C GLY A 31 -2.49 26.35 4.15
N GLY A 32 -3.80 26.13 4.07
CA GLY A 32 -4.71 26.96 3.29
C GLY A 32 -6.09 26.40 3.61
N PHE A 33 -7.12 27.04 3.09
CA PHE A 33 -8.49 26.52 3.24
C PHE A 33 -9.32 26.81 2.01
N LEU A 34 -10.18 25.86 1.64
CA LEU A 34 -11.00 26.01 0.43
C LEU A 34 -12.21 26.87 0.78
N ILE A 35 -12.33 28.03 0.14
CA ILE A 35 -13.46 28.92 0.41
C ILE A 35 -14.50 28.90 -0.71
N ARG A 36 -14.06 28.49 -1.90
CA ARG A 36 -14.96 28.23 -3.03
C ARG A 36 -14.39 27.01 -3.75
N ARG A 37 -15.19 26.33 -4.55
CA ARG A 37 -14.72 25.12 -5.25
C ARG A 37 -13.40 25.28 -6.02
N ASN A 38 -13.10 26.48 -6.49
CA ASN A 38 -11.85 26.74 -7.17
C ASN A 38 -11.01 27.88 -6.54
N PHE A 39 -11.27 28.22 -5.28
CA PHE A 39 -10.40 29.19 -4.59
C PHE A 39 -9.94 28.71 -3.24
N VAL A 40 -8.63 28.81 -3.03
CA VAL A 40 -8.06 28.56 -1.70
C VAL A 40 -7.51 29.87 -1.14
N LEU A 41 -7.71 30.05 0.17
CA LEU A 41 -7.18 31.21 0.86
C LEU A 41 -5.99 30.75 1.75
N THR A 42 -4.98 31.60 1.84
CA THR A 42 -3.74 31.24 2.52
C THR A 42 -2.96 32.52 2.80
N ALA A 43 -1.74 32.40 3.29
CA ALA A 43 -0.92 33.57 3.60
C ALA A 43 -0.12 33.95 2.37
N ALA A 44 0.10 35.24 2.21
CA ALA A 44 0.92 35.80 1.15
C ALA A 44 2.37 35.32 1.18
N HIS A 45 2.92 35.04 2.36
CA HIS A 45 4.32 34.62 2.42
C HIS A 45 4.52 33.17 1.91
N CYS A 46 3.43 32.51 1.60
CA CYS A 46 3.47 31.15 1.08
C CYS A 46 3.61 31.13 -0.47
N ALA A 47 3.57 32.30 -1.11
CA ALA A 47 3.69 32.39 -2.57
C ALA A 47 5.01 31.84 -3.09
N GLY A 48 5.01 31.50 -4.37
CA GLY A 48 6.18 30.97 -5.06
C GLY A 48 5.86 30.77 -6.53
N ARG A 49 6.74 30.11 -7.26
CA ARG A 49 6.61 29.99 -8.71
C ARG A 49 5.38 29.18 -9.14
N SER A 50 5.17 28.05 -8.47
CA SER A 50 3.98 27.25 -8.75
C SER A 50 3.53 26.55 -7.46
N ILE A 51 2.23 26.29 -7.35
CA ILE A 51 1.67 25.72 -6.13
C ILE A 51 0.74 24.57 -6.50
N THR A 52 0.88 23.47 -5.77
CA THR A 52 -0.01 22.32 -5.84
C THR A 52 -0.76 22.27 -4.50
N VAL A 53 -2.08 22.15 -4.58
CA VAL A 53 -2.97 22.07 -3.42
C VAL A 53 -3.43 20.62 -3.25
N THR A 54 -3.27 20.08 -2.04
CA THR A 54 -3.85 18.76 -1.74
C THR A 54 -5.00 18.96 -0.79
N LEU A 55 -6.18 18.56 -1.26
CA LEU A 55 -7.41 18.56 -0.47
C LEU A 55 -7.74 17.12 -0.05
N GLY A 56 -8.56 16.94 0.99
CA GLY A 56 -9.05 15.62 1.39
C GLY A 56 -8.05 14.83 2.24
N ALA A 57 -6.98 15.47 2.67
CA ALA A 57 -5.92 14.75 3.37
C ALA A 57 -6.12 14.70 4.88
N HIS A 58 -5.67 13.59 5.45
CA HIS A 58 -5.44 13.52 6.90
C HIS A 58 -3.97 13.23 7.23
N ASN A 59 -3.51 12.00 6.99
CA ASN A 59 -2.06 11.76 6.98
C ASN A 59 -1.55 12.20 5.62
N ILE A 60 -0.82 13.31 5.58
CA ILE A 60 -0.35 13.87 4.30
C ILE A 60 0.74 13.01 3.65
N THR A 61 1.32 12.08 4.41
CA THR A 61 2.41 11.21 3.91
C THR A 61 1.88 9.97 3.17
N GLU A 62 0.58 9.71 3.25
CA GLU A 62 -0.01 8.51 2.64
C GLU A 62 -1.16 8.86 1.70
N GLU A 63 -0.99 8.63 0.40
CA GLU A 63 -2.06 8.90 -0.56
C GLU A 63 -3.28 8.04 -0.27
N GLU A 64 -4.45 8.63 -0.44
CA GLU A 64 -5.66 7.87 -0.31
C GLU A 64 -6.73 8.42 -1.25
N ASP A 65 -7.88 7.74 -1.30
CA ASP A 65 -8.93 8.06 -2.27
C ASP A 65 -9.64 9.39 -2.05
N THR A 66 -9.64 9.89 -0.82
CA THR A 66 -10.21 11.21 -0.52
C THR A 66 -9.38 12.37 -1.10
N TRP A 67 -8.14 12.11 -1.50
CA TRP A 67 -7.27 13.20 -1.95
C TRP A 67 -7.77 13.77 -3.26
N GLN A 68 -7.67 15.10 -3.38
CA GLN A 68 -7.85 15.79 -4.63
C GLN A 68 -6.69 16.78 -4.73
N LYS A 69 -5.89 16.62 -5.77
CA LYS A 69 -4.68 17.41 -5.99
C LYS A 69 -4.94 18.28 -7.18
N LEU A 70 -4.83 19.60 -6.99
CA LEU A 70 -5.20 20.57 -8.01
C LEU A 70 -4.06 21.57 -8.17
N GLU A 71 -3.81 21.98 -9.40
CA GLU A 71 -2.74 22.95 -9.65
C GLU A 71 -3.33 24.34 -9.47
N VAL A 72 -2.51 25.27 -8.99
CA VAL A 72 -2.95 26.66 -8.91
C VAL A 72 -2.72 27.34 -10.27
N ILE A 73 -3.72 28.03 -10.81
CA ILE A 73 -3.47 28.71 -12.08
C ILE A 73 -3.19 30.19 -11.93
N LYS A 74 -3.71 30.80 -10.86
CA LYS A 74 -3.44 32.22 -10.58
C LYS A 74 -3.33 32.47 -9.07
N GLN A 75 -2.25 33.15 -8.68
CA GLN A 75 -2.01 33.61 -7.29
C GLN A 75 -2.37 35.08 -7.19
N PHE A 76 -3.26 35.42 -6.26
CA PHE A 76 -3.60 36.81 -5.99
C PHE A 76 -3.05 37.18 -4.64
N ARG A 77 -1.80 37.64 -4.61
CA ARG A 77 -1.20 38.07 -3.35
C ARG A 77 -1.72 39.47 -3.04
N HIS A 78 -2.03 39.76 -1.77
CA HIS A 78 -2.55 41.08 -1.46
C HIS A 78 -1.56 42.13 -1.97
N PRO A 79 -2.06 43.18 -2.69
CA PRO A 79 -1.11 44.13 -3.32
C PRO A 79 -0.30 44.99 -2.36
N LYS A 80 -0.74 45.12 -1.11
CA LYS A 80 -0.02 45.89 -0.09
C LYS A 80 0.84 45.01 0.84
N TYR A 81 0.95 43.72 0.54
CA TYR A 81 1.79 42.81 1.31
C TYR A 81 3.22 43.34 1.43
N ASN A 82 3.72 43.41 2.66
CA ASN A 82 5.03 43.98 2.94
C ASN A 82 5.85 42.91 3.67
N THR A 83 7.00 42.53 3.13
CA THR A 83 7.79 41.45 3.71
C THR A 83 8.48 41.79 5.05
N SER A 84 8.77 43.07 5.34
CA SER A 84 9.52 43.43 6.55
C SER A 84 8.68 43.21 7.80
N THR A 85 7.42 43.53 7.69
CA THR A 85 6.47 43.41 8.83
C THR A 85 5.49 42.24 8.67
N LEU A 86 5.38 41.71 7.44
CA LEU A 86 4.35 40.75 7.06
C LEU A 86 2.92 41.32 7.16
N HIS A 87 2.77 42.65 7.19
CA HIS A 87 1.42 43.21 7.04
C HIS A 87 0.76 42.74 5.75
N HIS A 88 -0.55 42.51 5.85
CA HIS A 88 -1.38 42.09 4.71
C HIS A 88 -0.93 40.72 4.19
N ASP A 89 -0.74 39.80 5.13
CA ASP A 89 -0.23 38.46 4.81
C ASP A 89 -1.44 37.59 4.42
N ILE A 90 -1.91 37.77 3.19
CA ILE A 90 -3.11 37.10 2.71
C ILE A 90 -3.01 36.94 1.20
N MET A 91 -3.42 35.78 0.71
CA MET A 91 -3.39 35.51 -0.73
C MET A 91 -4.53 34.59 -1.10
N LEU A 92 -5.19 34.87 -2.23
CA LEU A 92 -6.16 33.93 -2.83
C LEU A 92 -5.50 33.11 -3.95
N LEU A 93 -5.81 31.80 -4.01
CA LEU A 93 -5.22 30.94 -5.05
C LEU A 93 -6.37 30.43 -5.91
N LYS A 94 -6.31 30.69 -7.23
CA LYS A 94 -7.34 30.15 -8.11
C LYS A 94 -6.90 28.77 -8.60
N LEU A 95 -7.75 27.76 -8.42
CA LEU A 95 -7.39 26.40 -8.85
C LEU A 95 -7.74 26.17 -10.32
N LYS A 96 -6.99 25.29 -10.99
CA LYS A 96 -7.21 24.96 -12.41
C LYS A 96 -8.62 24.48 -12.71
N GLU A 97 -9.22 23.74 -11.79
CA GLU A 97 -10.65 23.45 -11.93
C GLU A 97 -11.27 23.35 -10.54
N LYS A 98 -12.56 23.09 -10.48
CA LYS A 98 -13.29 22.97 -9.22
C LYS A 98 -12.95 21.65 -8.53
N ALA A 99 -12.86 21.70 -7.20
CA ALA A 99 -12.79 20.48 -6.41
C ALA A 99 -14.16 19.79 -6.45
N SER A 100 -14.20 18.46 -6.27
CA SER A 100 -15.45 17.73 -6.04
C SER A 100 -15.81 17.81 -4.59
N LEU A 101 -17.11 17.91 -4.34
CA LEU A 101 -17.65 17.95 -2.99
C LEU A 101 -17.87 16.52 -2.54
N THR A 102 -17.26 16.16 -1.43
CA THR A 102 -17.33 14.78 -0.95
C THR A 102 -17.44 14.94 0.54
N LEU A 103 -17.52 13.85 1.30
CA LEU A 103 -17.43 13.99 2.74
C LEU A 103 -16.07 14.64 3.15
N ALA A 104 -14.98 14.25 2.48
CA ALA A 104 -13.64 14.71 2.85
C ALA A 104 -13.22 16.09 2.31
N VAL A 105 -13.96 16.62 1.34
CA VAL A 105 -13.59 17.86 0.66
C VAL A 105 -14.82 18.74 0.54
N GLY A 106 -14.75 19.92 1.14
CA GLY A 106 -15.87 20.86 1.13
C GLY A 106 -15.35 22.27 1.33
N THR A 107 -16.18 23.25 1.06
CA THR A 107 -15.79 24.63 1.20
C THR A 107 -16.20 25.16 2.55
N LEU A 108 -15.55 26.24 2.94
CA LEU A 108 -15.93 27.01 4.09
C LEU A 108 -16.20 28.43 3.53
N PRO A 109 -17.37 28.65 2.88
CA PRO A 109 -17.61 30.00 2.32
C PRO A 109 -17.88 30.96 3.47
N PHE A 110 -17.66 32.25 3.23
CA PHE A 110 -17.85 33.27 4.26
C PHE A 110 -19.33 33.62 4.41
N PRO A 111 -19.78 33.87 5.64
CA PRO A 111 -21.16 34.29 5.90
C PRO A 111 -21.43 35.72 5.41
N ASN A 115 -18.18 41.10 10.70
CA ASN A 115 -17.98 41.76 11.99
C ASN A 115 -16.55 41.64 12.51
N PHE A 116 -16.15 42.65 13.27
CA PHE A 116 -14.82 42.72 13.87
C PHE A 116 -14.76 41.80 15.08
N VAL A 117 -13.89 40.77 15.06
CA VAL A 117 -13.83 39.81 16.16
C VAL A 117 -12.99 40.33 17.36
N PRO A 118 -13.63 40.47 18.54
CA PRO A 118 -12.93 41.06 19.70
C PRO A 118 -12.06 40.05 20.46
N PRO A 119 -11.07 40.54 21.24
CA PRO A 119 -10.31 39.68 22.16
C PRO A 119 -11.23 38.89 23.08
N GLY A 120 -10.74 37.77 23.63
CA GLY A 120 -11.43 37.04 24.68
C GLY A 120 -12.06 35.72 24.26
N ARG A 121 -12.45 35.59 23.00
CA ARG A 121 -13.07 34.32 22.59
C ARG A 121 -12.10 33.19 22.32
N MET A 122 -12.60 31.96 22.41
CA MET A 122 -11.82 30.74 22.09
C MET A 122 -12.05 30.38 20.63
N CYS A 123 -10.96 30.01 19.95
CA CYS A 123 -10.99 29.73 18.52
C CYS A 123 -10.17 28.47 18.29
N ARG A 124 -10.21 27.93 17.07
CA ARG A 124 -9.50 26.67 16.82
C ARG A 124 -8.72 26.83 15.54
N VAL A 125 -7.51 26.25 15.52
CA VAL A 125 -6.68 26.28 14.32
C VAL A 125 -6.17 24.87 14.06
N ALA A 126 -6.03 24.50 12.78
CA ALA A 126 -5.53 23.20 12.42
C ALA A 126 -4.38 23.37 11.42
N GLY A 127 -3.54 22.36 11.32
CA GLY A 127 -2.47 22.36 10.33
C GLY A 127 -1.58 21.14 10.45
N TRP A 128 -0.63 21.03 9.51
CA TRP A 128 0.36 19.97 9.45
C TRP A 128 1.76 20.50 9.83
N GLY A 129 1.84 21.68 10.44
CA GLY A 129 3.13 22.21 10.86
C GLY A 129 3.81 21.45 11.99
N ARG A 130 5.00 21.91 12.36
CA ARG A 130 5.78 21.31 13.42
C ARG A 130 5.01 21.29 14.75
N THR A 131 5.21 20.20 15.47
CA THR A 131 4.60 20.01 16.78
C THR A 131 5.53 20.46 17.90
N GLY A 132 6.64 21.08 17.54
CA GLY A 132 7.55 21.65 18.53
C GLY A 132 8.64 22.38 17.80
N VAL A 133 9.42 23.21 18.49
CA VAL A 133 10.49 24.00 17.85
C VAL A 133 11.39 23.15 16.93
N LEU A 134 11.82 22.00 17.44
CA LEU A 134 12.79 21.17 16.69
C LEU A 134 12.13 19.90 16.13
N LYS A 135 10.81 19.85 16.11
CA LYS A 135 10.10 18.68 15.61
C LYS A 135 9.90 18.74 14.11
N PRO A 136 9.75 17.57 13.46
CA PRO A 136 9.38 17.58 12.07
C PRO A 136 7.96 18.12 11.89
N GLY A 137 7.57 18.41 10.65
CA GLY A 137 6.15 18.65 10.33
C GLY A 137 5.32 17.43 10.72
N SER A 138 4.06 17.63 11.09
CA SER A 138 3.19 16.52 11.54
C SER A 138 2.72 15.70 10.35
N ASP A 139 2.76 14.37 10.47
CA ASP A 139 2.20 13.48 9.41
C ASP A 139 0.71 13.71 9.29
N THR A 140 0.04 13.83 10.44
CA THR A 140 -1.40 13.98 10.50
C THR A 140 -1.87 15.41 10.84
N LEU A 141 -3.04 15.74 10.36
CA LEU A 141 -3.65 17.03 10.65
C LEU A 141 -3.88 17.14 12.16
N GLN A 142 -3.41 18.23 12.74
CA GLN A 142 -3.54 18.49 14.17
C GLN A 142 -4.45 19.69 14.36
N GLU A 143 -5.07 19.83 15.53
CA GLU A 143 -5.80 21.06 15.82
C GLU A 143 -5.59 21.47 17.26
N VAL A 144 -5.79 22.75 17.54
CA VAL A 144 -5.63 23.22 18.93
C VAL A 144 -6.62 24.37 19.17
N LYS A 145 -7.09 24.50 20.41
CA LYS A 145 -7.99 25.58 20.82
C LYS A 145 -7.15 26.69 21.47
N LEU A 146 -7.31 27.93 21.00
CA LEU A 146 -6.45 29.04 21.42
C LEU A 146 -7.30 30.24 21.76
N ARG A 147 -6.85 31.03 22.72
CA ARG A 147 -7.56 32.25 23.15
C ARG A 147 -7.15 33.45 22.31
N LEU A 148 -8.13 34.23 21.83
CA LEU A 148 -7.82 35.52 21.22
C LEU A 148 -7.47 36.48 22.34
N MET A 149 -6.29 37.06 22.25
CA MET A 149 -5.77 37.88 23.34
C MET A 149 -5.99 39.34 23.03
N ASP A 150 -5.95 40.18 24.06
CA ASP A 150 -5.79 41.62 23.85
C ASP A 150 -4.58 41.93 22.95
N PRO A 151 -4.67 42.96 22.08
CA PRO A 151 -3.52 43.21 21.19
C PRO A 151 -2.24 43.56 21.92
N GLN A 152 -2.36 44.08 23.14
CA GLN A 152 -1.20 44.32 24.00
C GLN A 152 -0.37 43.06 24.27
N ALA A 153 -0.99 41.88 24.17
CA ALA A 153 -0.26 40.63 24.41
C ALA A 153 0.76 40.35 23.28
N CYS A 154 0.68 41.13 22.21
CA CYS A 154 1.59 41.00 21.08
C CYS A 154 2.52 42.23 20.94
N SER A 155 2.67 43.01 22.02
CA SER A 155 3.41 44.27 22.01
C SER A 155 4.85 44.12 21.51
N HIS A 156 5.48 43.00 21.84
CA HIS A 156 6.86 42.73 21.45
C HIS A 156 7.09 42.63 19.96
N PHE A 157 6.03 42.40 19.20
CA PHE A 157 6.10 42.57 17.75
C PHE A 157 5.69 44.00 17.50
N ARG A 158 6.68 44.89 17.41
CA ARG A 158 6.39 46.33 17.42
C ARG A 158 5.40 46.76 16.33
N ASP A 159 5.53 46.15 15.16
CA ASP A 159 4.71 46.50 14.00
C ASP A 159 3.31 45.88 14.03
N PHE A 160 3.00 45.08 15.06
CA PHE A 160 1.66 44.46 15.17
C PHE A 160 0.60 45.54 15.16
N ASP A 161 -0.50 45.31 14.44
CA ASP A 161 -1.57 46.27 14.27
C ASP A 161 -2.92 45.58 14.49
N HIS A 162 -3.55 45.89 15.61
CA HIS A 162 -4.86 45.33 16.00
C HIS A 162 -5.94 45.40 14.90
N ASN A 163 -5.90 46.43 14.05
CA ASN A 163 -6.89 46.56 12.94
C ASN A 163 -6.67 45.51 11.86
N LEU A 164 -5.42 45.09 11.73
CA LEU A 164 -5.01 44.22 10.64
C LEU A 164 -4.81 42.77 11.07
N GLN A 165 -4.59 42.56 12.37
CA GLN A 165 -4.08 41.26 12.85
C GLN A 165 -4.71 40.88 14.16
N LEU A 166 -4.76 39.56 14.41
CA LEU A 166 -5.26 38.98 15.62
C LEU A 166 -4.06 38.54 16.40
N CYS A 167 -4.16 38.60 17.72
CA CYS A 167 -3.12 38.15 18.64
C CYS A 167 -3.63 36.86 19.29
N VAL A 168 -2.96 35.74 19.02
CA VAL A 168 -3.60 34.43 19.25
C VAL A 168 -2.80 33.48 20.12
N GLY A 169 -3.36 33.10 21.25
CA GLY A 169 -2.71 32.15 22.14
C GLY A 169 -2.27 32.77 23.45
N ASN A 170 -2.90 32.32 24.53
CA ASN A 170 -2.52 32.68 25.89
C ASN A 170 -1.02 32.45 26.12
N PRO A 171 -0.28 33.50 26.46
CA PRO A 171 1.18 33.35 26.66
C PRO A 171 1.57 32.43 27.84
N ARG A 172 0.63 32.18 28.73
CA ARG A 172 0.86 31.30 29.88
C ARG A 172 0.87 29.80 29.51
N LYS A 173 0.43 29.48 28.30
CA LYS A 173 0.39 28.10 27.80
C LYS A 173 1.42 27.89 26.70
N THR A 174 1.62 26.64 26.30
CA THR A 174 2.54 26.33 25.20
C THR A 174 1.80 26.14 23.86
N LYS A 175 0.48 25.98 23.95
CA LYS A 175 -0.37 25.82 22.78
C LYS A 175 -0.16 26.94 21.76
N SER A 176 0.15 26.57 20.53
CA SER A 176 0.30 27.58 19.48
C SER A 176 0.35 26.97 18.07
N ALA A 177 0.01 27.77 17.07
CA ALA A 177 0.40 27.45 15.70
C ALA A 177 1.92 27.71 15.58
N PHE A 178 2.60 27.09 14.59
CA PHE A 178 4.05 27.24 14.43
C PHE A 178 4.42 27.01 12.95
N LYS A 179 5.71 26.88 12.62
CA LYS A 179 6.19 26.68 11.25
C LYS A 179 5.41 25.57 10.56
N GLY A 180 4.92 25.85 9.35
CA GLY A 180 4.20 24.87 8.56
C GLY A 180 2.69 25.06 8.67
N ASP A 181 2.24 25.75 9.72
CA ASP A 181 0.83 26.03 9.89
C ASP A 181 0.38 27.33 9.19
N SER A 182 1.35 28.09 8.66
CA SER A 182 1.04 29.36 7.97
C SER A 182 0.01 29.14 6.89
N GLY A 183 -0.93 30.09 6.77
CA GLY A 183 -1.97 30.00 5.77
C GLY A 183 -3.22 29.31 6.24
N GLY A 184 -3.12 28.54 7.32
CA GLY A 184 -4.27 27.80 7.84
C GLY A 184 -5.29 28.76 8.48
N PRO A 185 -6.57 28.34 8.55
CA PRO A 185 -7.62 29.18 9.14
C PRO A 185 -7.72 29.10 10.67
N LEU A 186 -8.09 30.21 11.28
CA LEU A 186 -8.47 30.23 12.69
C LEU A 186 -9.97 30.34 12.65
N LEU A 187 -10.68 29.34 13.19
CA LEU A 187 -12.15 29.34 13.18
C LEU A 187 -12.65 29.72 14.56
N CYS A 188 -13.62 30.63 14.59
CA CYS A 188 -14.27 31.01 15.85
C CYS A 188 -15.76 30.79 15.64
N ALA A 189 -16.33 29.92 16.48
CA ALA A 189 -17.74 29.54 16.34
C ALA A 189 -18.04 29.14 14.89
N GLY A 190 -17.13 28.35 14.32
CA GLY A 190 -17.34 27.79 13.00
C GLY A 190 -17.07 28.70 11.82
N VAL A 191 -16.70 29.96 12.07
CA VAL A 191 -16.42 30.91 10.98
C VAL A 191 -14.90 31.20 10.93
N ALA A 192 -14.34 31.23 9.72
CA ALA A 192 -12.95 31.61 9.51
C ALA A 192 -12.79 33.08 9.81
N GLN A 193 -11.95 33.38 10.81
CA GLN A 193 -11.72 34.77 11.27
C GLN A 193 -10.23 35.18 11.15
N GLY A 194 -9.35 34.20 11.07
CA GLY A 194 -7.93 34.54 10.97
C GLY A 194 -7.17 33.61 10.06
N ILE A 195 -5.97 34.03 9.70
CA ILE A 195 -5.04 33.19 8.88
C ILE A 195 -3.70 33.16 9.57
N VAL A 196 -3.15 31.96 9.81
CA VAL A 196 -1.87 31.87 10.53
C VAL A 196 -0.82 32.66 9.74
N SER A 197 -0.14 33.59 10.40
CA SER A 197 0.88 34.38 9.69
C SER A 197 2.31 34.14 10.21
N TYR A 198 2.60 34.52 11.45
CA TYR A 198 3.95 34.33 11.99
C TYR A 198 3.90 34.32 13.53
N GLY A 199 5.00 33.92 14.13
CA GLY A 199 5.16 34.01 15.61
C GLY A 199 6.63 34.04 15.96
N ARG A 200 6.92 33.91 17.25
CA ARG A 200 8.31 33.93 17.72
C ARG A 200 9.07 32.69 17.28
N SER A 201 10.35 32.83 16.96
CA SER A 201 11.18 31.66 16.62
C SER A 201 11.18 30.59 17.72
N ASP A 202 11.05 30.99 18.97
CA ASP A 202 11.00 30.00 20.05
C ASP A 202 9.61 29.41 20.33
N ALA A 203 8.62 29.73 19.49
CA ALA A 203 7.26 29.14 19.52
C ALA A 203 6.41 29.62 20.69
N LYS A 204 6.93 30.54 21.49
CA LYS A 204 6.14 31.00 22.66
C LYS A 204 4.94 31.85 22.23
N PRO A 205 3.70 31.45 22.63
CA PRO A 205 2.54 32.22 22.17
C PRO A 205 2.49 33.58 22.89
N PRO A 206 1.75 34.55 22.33
CA PRO A 206 0.86 34.44 21.18
C PRO A 206 1.52 34.53 19.80
N ALA A 207 0.84 33.98 18.80
CA ALA A 207 1.28 34.14 17.43
C ALA A 207 0.34 35.16 16.77
N VAL A 208 0.75 35.60 15.59
CA VAL A 208 0.08 36.69 14.89
C VAL A 208 -0.68 36.09 13.70
N PHE A 209 -1.98 36.43 13.56
CA PHE A 209 -2.82 35.94 12.46
C PHE A 209 -3.37 37.13 11.73
N THR A 210 -3.54 36.99 10.41
CA THR A 210 -4.22 38.01 9.60
C THR A 210 -5.70 38.07 10.02
N ARG A 211 -6.24 39.27 10.24
CA ARG A 211 -7.64 39.45 10.61
C ARG A 211 -8.46 39.47 9.32
N ILE A 212 -9.14 38.37 9.02
CA ILE A 212 -9.88 38.23 7.77
C ILE A 212 -10.90 39.38 7.55
N SER A 213 -11.62 39.79 8.59
CA SER A 213 -12.68 40.83 8.45
C SER A 213 -12.19 42.06 7.69
N HIS A 214 -10.93 42.46 7.89
CA HIS A 214 -10.37 43.67 7.29
C HIS A 214 -10.21 43.51 5.78
N TYR A 215 -10.07 42.26 5.33
CA TYR A 215 -9.76 41.96 3.95
C TYR A 215 -10.98 41.48 3.18
N ARG A 216 -12.12 41.38 3.85
CA ARG A 216 -13.35 40.85 3.20
C ARG A 216 -13.75 41.58 1.92
N PRO A 217 -13.66 42.94 1.89
CA PRO A 217 -13.98 43.57 0.62
C PRO A 217 -13.04 43.16 -0.53
N TRP A 218 -11.75 43.09 -0.24
CA TRP A 218 -10.73 42.66 -1.21
C TRP A 218 -10.98 41.21 -1.67
N ILE A 219 -11.28 40.33 -0.72
CA ILE A 219 -11.61 38.93 -1.06
C ILE A 219 -12.84 38.92 -1.97
N ASN A 220 -13.89 39.64 -1.58
CA ASN A 220 -15.11 39.71 -2.40
C ASN A 220 -14.84 40.17 -3.83
N GLN A 221 -14.02 41.21 -3.97
CA GLN A 221 -13.60 41.74 -5.26
C GLN A 221 -12.91 40.71 -6.17
N ILE A 222 -11.96 39.95 -5.60
CA ILE A 222 -11.23 38.92 -6.36
C ILE A 222 -12.17 37.79 -6.77
N LEU A 223 -13.07 37.40 -5.87
CA LEU A 223 -14.03 36.34 -6.19
C LEU A 223 -15.01 36.72 -7.31
N GLN A 224 -15.52 37.96 -7.29
CA GLN A 224 -16.51 38.44 -8.27
C GLN A 224 -15.93 38.53 -9.68
N ALA A 225 -14.64 38.82 -9.76
CA ALA A 225 -13.96 39.00 -11.04
C ALA A 225 -13.27 37.75 -11.58
N ASN A 226 -13.39 36.64 -10.88
CA ASN A 226 -12.61 35.43 -11.21
C ASN A 226 -13.30 34.12 -10.91
N ILE B 1 3.51 -29.26 4.08
CA ILE B 1 2.49 -29.13 5.17
C ILE B 1 3.11 -28.25 6.26
N ILE B 2 2.37 -27.25 6.69
CA ILE B 2 2.84 -26.31 7.72
C ILE B 2 2.03 -26.62 8.96
N GLY B 3 2.72 -26.74 10.10
CA GLY B 3 2.04 -26.93 11.39
C GLY B 3 1.50 -28.33 11.54
N GLY B 4 2.05 -29.24 10.75
CA GLY B 4 1.60 -30.60 10.72
C GLY B 4 2.44 -31.53 11.58
N THR B 5 2.18 -32.82 11.44
CA THR B 5 2.89 -33.85 12.19
C THR B 5 3.36 -34.94 11.24
N GLU B 6 4.41 -35.67 11.62
CA GLU B 6 4.87 -36.78 10.80
C GLU B 6 3.88 -37.94 10.84
N CYS B 7 3.48 -38.42 9.66
CA CYS B 7 2.63 -39.59 9.59
C CYS B 7 3.35 -40.81 10.18
N LYS B 8 2.58 -41.73 10.72
CA LYS B 8 3.11 -43.05 11.06
C LYS B 8 3.47 -43.75 9.74
N PRO B 9 4.73 -44.25 9.62
CA PRO B 9 5.11 -44.80 8.31
C PRO B 9 4.06 -45.74 7.72
N HIS B 10 3.67 -45.44 6.48
CA HIS B 10 2.74 -46.29 5.70
C HIS B 10 1.28 -46.29 6.17
N SER B 11 0.91 -45.33 7.02
CA SER B 11 -0.48 -45.17 7.45
C SER B 11 -1.40 -44.55 6.37
N ARG B 12 -0.81 -43.96 5.35
CA ARG B 12 -1.61 -43.41 4.23
C ARG B 12 -1.13 -44.03 2.93
N PRO B 13 -1.46 -45.33 2.72
CA PRO B 13 -0.83 -46.10 1.65
C PRO B 13 -1.19 -45.64 0.22
N TYR B 14 -2.22 -44.80 0.09
CA TYR B 14 -2.66 -44.25 -1.22
C TYR B 14 -1.77 -43.10 -1.72
N MET B 15 -0.91 -42.57 -0.84
CA MET B 15 -0.13 -41.36 -1.13
C MET B 15 0.94 -41.59 -2.20
N ALA B 16 0.99 -40.66 -3.15
CA ALA B 16 1.95 -40.75 -4.23
C ALA B 16 2.85 -39.53 -4.22
N TYR B 17 4.15 -39.77 -4.36
CA TYR B 17 5.10 -38.69 -4.49
C TYR B 17 5.39 -38.61 -5.98
N LEU B 18 5.28 -37.41 -6.53
CA LEU B 18 5.40 -37.19 -7.96
C LEU B 18 6.64 -36.39 -8.24
N GLU B 19 7.46 -36.88 -9.15
CA GLU B 19 8.59 -36.09 -9.62
C GLU B 19 8.31 -35.78 -11.07
N ILE B 20 8.30 -34.50 -11.41
CA ILE B 20 7.91 -34.06 -12.75
C ILE B 20 9.06 -33.36 -13.49
N VAL B 21 9.50 -33.97 -14.57
CA VAL B 21 10.54 -33.41 -15.43
C VAL B 21 9.90 -32.38 -16.32
N THR B 22 10.46 -31.17 -16.35
CA THR B 22 9.82 -30.06 -17.06
C THR B 22 10.67 -29.57 -18.23
N SER B 23 11.98 -29.55 -18.04
CA SER B 23 12.94 -29.09 -19.04
C SER B 23 14.30 -29.69 -18.71
N ASN B 24 15.36 -29.08 -19.27
CA ASN B 24 16.73 -29.40 -18.87
C ASN B 24 17.02 -28.98 -17.42
N GLY B 25 16.21 -28.08 -16.87
CA GLY B 25 16.33 -27.63 -15.49
C GLY B 25 15.90 -28.67 -14.46
N PRO B 26 15.91 -28.31 -13.17
CA PRO B 26 15.55 -29.28 -12.13
C PRO B 26 14.07 -29.65 -12.14
N SER B 27 13.76 -30.85 -11.65
CA SER B 27 12.40 -31.33 -11.67
C SER B 27 11.52 -30.61 -10.65
N LYS B 28 10.21 -30.73 -10.79
CA LYS B 28 9.32 -30.19 -9.76
C LYS B 28 8.63 -31.35 -9.06
N PHE B 29 8.04 -31.07 -7.90
CA PHE B 29 7.52 -32.12 -7.06
C PHE B 29 6.09 -31.83 -6.61
N CYS B 30 5.27 -32.86 -6.55
CA CYS B 30 3.88 -32.74 -6.17
C CYS B 30 3.48 -33.99 -5.40
N GLY B 31 2.33 -33.92 -4.76
CA GLY B 31 1.67 -35.12 -4.28
C GLY B 31 0.57 -35.59 -5.23
N GLY B 32 -0.04 -36.72 -4.86
CA GLY B 32 -1.17 -37.29 -5.56
C GLY B 32 -1.61 -38.49 -4.77
N PHE B 33 -2.58 -39.23 -5.31
CA PHE B 33 -3.09 -40.40 -4.62
C PHE B 33 -3.64 -41.45 -5.55
N LEU B 34 -3.38 -42.71 -5.20
CA LEU B 34 -3.84 -43.87 -5.94
C LEU B 34 -5.35 -44.11 -5.78
N ILE B 35 -6.08 -44.02 -6.90
CA ILE B 35 -7.51 -44.28 -6.87
C ILE B 35 -7.87 -45.60 -7.57
N ARG B 36 -6.90 -46.15 -8.29
CA ARG B 36 -7.04 -47.41 -9.03
C ARG B 36 -5.63 -47.92 -9.19
N ARG B 37 -5.46 -49.21 -9.39
CA ARG B 37 -4.10 -49.73 -9.39
C ARG B 37 -3.22 -49.05 -10.45
N ASN B 38 -3.82 -48.63 -11.56
CA ASN B 38 -3.06 -47.91 -12.59
C ASN B 38 -3.36 -46.40 -12.76
N PHE B 39 -4.07 -45.80 -11.80
CA PHE B 39 -4.40 -44.36 -11.90
C PHE B 39 -4.14 -43.59 -10.63
N VAL B 40 -3.44 -42.46 -10.77
CA VAL B 40 -3.21 -41.50 -9.68
C VAL B 40 -3.99 -40.22 -10.01
N LEU B 41 -4.64 -39.67 -9.00
CA LEU B 41 -5.30 -38.38 -9.12
C LEU B 41 -4.39 -37.31 -8.50
N THR B 42 -4.28 -36.16 -9.16
CA THR B 42 -3.42 -35.08 -8.72
C THR B 42 -3.96 -33.73 -9.27
N ALA B 43 -3.18 -32.67 -9.15
CA ALA B 43 -3.61 -31.34 -9.61
C ALA B 43 -3.11 -31.18 -11.04
N ALA B 44 -3.89 -30.49 -11.89
CA ALA B 44 -3.50 -30.27 -13.29
C ALA B 44 -2.22 -29.43 -13.39
N HIS B 45 -1.96 -28.54 -12.43
CA HIS B 45 -0.79 -27.67 -12.57
C HIS B 45 0.53 -28.41 -12.37
N CYS B 46 0.44 -29.66 -11.95
CA CYS B 46 1.59 -30.51 -11.77
C CYS B 46 2.02 -31.19 -13.07
N ALA B 47 1.31 -30.95 -14.16
CA ALA B 47 1.62 -31.61 -15.42
C ALA B 47 3.02 -31.25 -15.91
N GLY B 48 3.63 -32.13 -16.69
CA GLY B 48 4.93 -31.81 -17.27
C GLY B 48 5.31 -32.77 -18.35
N ARG B 49 6.57 -32.73 -18.77
CA ARG B 49 7.02 -33.53 -19.91
C ARG B 49 6.97 -35.03 -19.57
N SER B 50 7.45 -35.38 -18.38
N SER B 50 7.43 -35.40 -18.38
CA SER B 50 7.43 -36.76 -17.89
CA SER B 50 7.35 -36.77 -17.91
C SER B 50 7.26 -36.79 -16.38
C SER B 50 7.25 -36.80 -16.40
N ILE B 51 6.63 -37.85 -15.88
CA ILE B 51 6.33 -38.00 -14.44
C ILE B 51 6.68 -39.40 -13.92
N THR B 52 7.38 -39.44 -12.78
CA THR B 52 7.57 -40.69 -12.05
C THR B 52 6.78 -40.58 -10.74
N VAL B 53 6.04 -41.63 -10.43
CA VAL B 53 5.26 -41.75 -9.21
C VAL B 53 5.96 -42.76 -8.29
N THR B 54 6.21 -42.36 -7.05
CA THR B 54 6.69 -43.27 -6.00
C THR B 54 5.52 -43.58 -5.05
N LEU B 55 5.15 -44.85 -4.99
CA LEU B 55 4.14 -45.35 -4.06
C LEU B 55 4.83 -46.12 -2.92
N GLY B 56 4.11 -46.28 -1.81
CA GLY B 56 4.62 -46.98 -0.61
C GLY B 56 5.79 -46.35 0.11
N ALA B 57 5.88 -45.03 0.05
CA ALA B 57 7.02 -44.31 0.66
C ALA B 57 6.69 -43.62 2.00
N HIS B 58 7.72 -43.38 2.79
CA HIS B 58 7.60 -42.51 3.95
C HIS B 58 8.65 -41.42 3.92
N ASN B 59 9.92 -41.79 4.11
CA ASN B 59 11.02 -40.87 3.86
C ASN B 59 11.47 -41.02 2.42
N ILE B 60 11.23 -39.98 1.64
CA ILE B 60 11.42 -40.02 0.20
C ILE B 60 12.90 -39.94 -0.22
N THR B 61 13.79 -39.73 0.75
CA THR B 61 15.22 -39.68 0.47
C THR B 61 15.91 -41.06 0.61
N GLU B 62 15.23 -41.98 1.29
CA GLU B 62 15.77 -43.34 1.48
C GLU B 62 14.87 -44.45 0.90
N GLU B 63 15.33 -45.09 -0.18
CA GLU B 63 14.64 -46.27 -0.72
C GLU B 63 14.34 -47.27 0.36
N GLU B 64 13.17 -47.92 0.26
CA GLU B 64 12.89 -49.07 1.10
C GLU B 64 12.14 -50.12 0.31
N ASP B 65 12.07 -51.33 0.88
CA ASP B 65 11.46 -52.48 0.23
C ASP B 65 9.98 -52.28 -0.16
N THR B 66 9.32 -51.30 0.46
CA THR B 66 7.91 -51.06 0.19
C THR B 66 7.64 -50.25 -1.08
N TRP B 67 8.66 -49.54 -1.56
CA TRP B 67 8.51 -48.64 -2.71
C TRP B 67 8.06 -49.35 -3.97
N GLN B 68 7.18 -48.68 -4.71
CA GLN B 68 6.86 -49.06 -6.09
C GLN B 68 6.99 -47.80 -6.93
N LYS B 69 8.03 -47.73 -7.76
CA LYS B 69 8.27 -46.58 -8.61
C LYS B 69 7.70 -46.87 -10.01
N LEU B 70 6.75 -46.05 -10.46
CA LEU B 70 6.10 -46.32 -11.74
C LEU B 70 6.09 -45.08 -12.62
N GLU B 71 6.37 -45.26 -13.93
CA GLU B 71 6.29 -44.15 -14.86
C GLU B 71 4.83 -43.93 -15.26
N VAL B 72 4.47 -42.67 -15.47
CA VAL B 72 3.15 -42.30 -16.00
C VAL B 72 3.24 -42.44 -17.54
N ILE B 73 2.26 -43.09 -18.14
CA ILE B 73 2.21 -43.23 -19.60
C ILE B 73 1.19 -42.32 -20.29
N LYS B 74 0.24 -41.75 -19.52
CA LYS B 74 -0.64 -40.74 -20.09
C LYS B 74 -1.11 -39.77 -19.02
N GLN B 75 -1.07 -38.49 -19.35
CA GLN B 75 -1.63 -37.46 -18.50
C GLN B 75 -3.01 -36.99 -19.04
N PHE B 76 -4.01 -37.03 -18.19
CA PHE B 76 -5.33 -36.52 -18.54
C PHE B 76 -5.64 -35.30 -17.70
N ARG B 77 -5.29 -34.14 -18.19
CA ARG B 77 -5.60 -32.89 -17.54
C ARG B 77 -7.04 -32.52 -17.85
N HIS B 78 -7.78 -31.95 -16.90
CA HIS B 78 -9.17 -31.57 -17.18
C HIS B 78 -9.22 -30.65 -18.41
N PRO B 79 -10.18 -30.88 -19.34
CA PRO B 79 -10.12 -30.08 -20.58
C PRO B 79 -10.40 -28.58 -20.39
N LYS B 80 -11.02 -28.19 -19.28
CA LYS B 80 -11.32 -26.78 -19.01
C LYS B 80 -10.32 -26.11 -18.06
N TYR B 81 -9.31 -26.86 -17.61
CA TYR B 81 -8.26 -26.29 -16.74
C TYR B 81 -7.76 -24.93 -17.28
N ASN B 82 -7.73 -23.93 -16.42
CA ASN B 82 -7.43 -22.56 -16.84
C ASN B 82 -6.33 -22.01 -15.93
N THR B 83 -5.20 -21.59 -16.51
CA THR B 83 -4.04 -21.25 -15.72
C THR B 83 -4.17 -19.90 -15.06
N SER B 84 -5.06 -19.04 -15.53
CA SER B 84 -5.20 -17.71 -14.93
C SER B 84 -5.81 -17.82 -13.53
N THR B 85 -6.81 -18.68 -13.44
CA THR B 85 -7.58 -18.84 -12.17
C THR B 85 -7.24 -20.16 -11.47
N LEU B 86 -6.65 -21.10 -12.18
CA LEU B 86 -6.46 -22.47 -11.72
C LEU B 86 -7.79 -23.18 -11.49
N HIS B 87 -8.86 -22.70 -12.13
CA HIS B 87 -10.11 -23.48 -12.13
C HIS B 87 -9.91 -24.83 -12.79
N HIS B 88 -10.58 -25.85 -12.24
CA HIS B 88 -10.54 -27.22 -12.79
C HIS B 88 -9.15 -27.81 -12.65
N ASP B 89 -8.51 -27.54 -11.51
CA ASP B 89 -7.12 -27.97 -11.29
C ASP B 89 -7.12 -29.44 -10.88
N ILE B 90 -7.26 -30.31 -11.88
CA ILE B 90 -7.36 -31.75 -11.58
C ILE B 90 -6.84 -32.52 -12.79
N MET B 91 -6.16 -33.63 -12.51
CA MET B 91 -5.56 -34.42 -13.59
C MET B 91 -5.51 -35.85 -13.15
N LEU B 92 -5.79 -36.75 -14.08
CA LEU B 92 -5.54 -38.19 -13.86
C LEU B 92 -4.26 -38.64 -14.54
N LEU B 93 -3.51 -39.49 -13.85
CA LEU B 93 -2.25 -40.02 -14.38
C LEU B 93 -2.40 -41.53 -14.54
N LYS B 94 -2.22 -42.01 -15.77
CA LYS B 94 -2.23 -43.44 -16.04
C LYS B 94 -0.82 -43.98 -15.89
N LEU B 95 -0.68 -45.02 -15.07
CA LEU B 95 0.62 -45.58 -14.76
C LEU B 95 0.98 -46.69 -15.76
N LYS B 96 2.27 -46.86 -16.02
CA LYS B 96 2.74 -47.88 -16.99
C LYS B 96 2.19 -49.26 -16.67
N GLU B 97 2.13 -49.62 -15.39
CA GLU B 97 1.57 -50.88 -14.95
C GLU B 97 0.73 -50.68 -13.70
N LYS B 98 -0.19 -51.60 -13.47
CA LYS B 98 -0.95 -51.61 -12.23
C LYS B 98 0.03 -51.82 -11.09
N ALA B 99 -0.14 -51.06 -10.01
CA ALA B 99 0.69 -51.26 -8.83
C ALA B 99 0.21 -52.51 -8.17
N SER B 100 1.10 -53.14 -7.40
CA SER B 100 0.76 -54.26 -6.53
C SER B 100 0.21 -53.72 -5.22
N LEU B 101 -1.00 -54.16 -4.87
CA LEU B 101 -1.60 -53.80 -3.60
C LEU B 101 -0.86 -54.53 -2.48
N THR B 102 -0.16 -53.76 -1.66
CA THR B 102 0.55 -54.28 -0.51
C THR B 102 0.00 -53.58 0.74
N LEU B 103 0.65 -53.83 1.87
CA LEU B 103 0.30 -53.12 3.09
C LEU B 103 0.63 -51.64 2.94
N ALA B 104 1.78 -51.34 2.33
CA ALA B 104 2.22 -49.97 2.12
C ALA B 104 1.65 -49.29 0.85
N VAL B 105 1.03 -50.06 -0.03
CA VAL B 105 0.46 -49.49 -1.28
C VAL B 105 -0.99 -49.87 -1.44
N GLY B 106 -1.88 -48.88 -1.45
CA GLY B 106 -3.33 -49.13 -1.56
C GLY B 106 -4.09 -47.98 -2.22
N THR B 107 -5.39 -48.15 -2.48
CA THR B 107 -6.18 -47.11 -3.15
C THR B 107 -7.08 -46.36 -2.17
N LEU B 108 -7.52 -45.18 -2.58
CA LEU B 108 -8.38 -44.32 -1.75
C LEU B 108 -9.66 -44.00 -2.52
N PRO B 109 -10.82 -44.14 -1.88
CA PRO B 109 -12.04 -43.83 -2.64
C PRO B 109 -12.24 -42.31 -2.84
N PHE B 110 -13.06 -41.96 -3.82
CA PHE B 110 -13.41 -40.58 -4.09
C PHE B 110 -14.94 -40.47 -4.12
N PRO B 111 -15.47 -39.24 -4.14
CA PRO B 111 -16.91 -39.09 -3.93
C PRO B 111 -17.74 -39.25 -5.20
N SER B 112 -18.99 -39.63 -5.00
CA SER B 112 -19.96 -39.63 -6.07
C SER B 112 -20.34 -38.19 -6.36
N GLN B 113 -20.87 -37.97 -7.56
CA GLN B 113 -21.53 -36.71 -7.91
C GLN B 113 -22.58 -36.36 -6.83
N PHE B 114 -22.65 -35.07 -6.51
CA PHE B 114 -23.54 -34.53 -5.48
C PHE B 114 -23.16 -34.88 -4.05
N ASN B 115 -22.04 -35.58 -3.85
CA ASN B 115 -21.53 -35.82 -2.49
C ASN B 115 -20.81 -34.57 -2.02
N PHE B 116 -21.61 -33.58 -1.62
CA PHE B 116 -21.13 -32.22 -1.38
C PHE B 116 -20.72 -32.04 0.07
N VAL B 117 -19.43 -31.81 0.30
CA VAL B 117 -18.95 -31.63 1.66
C VAL B 117 -19.09 -30.15 2.06
N PRO B 118 -19.89 -29.88 3.12
CA PRO B 118 -20.19 -28.48 3.49
C PRO B 118 -19.16 -27.90 4.46
N PRO B 119 -19.11 -26.56 4.59
CA PRO B 119 -18.24 -25.93 5.59
C PRO B 119 -18.50 -26.48 6.99
N GLY B 120 -17.48 -26.46 7.84
CA GLY B 120 -17.60 -26.89 9.23
C GLY B 120 -16.80 -28.13 9.60
N ARG B 121 -16.70 -29.08 8.67
CA ARG B 121 -15.99 -30.36 8.90
C ARG B 121 -14.48 -30.17 9.15
N MET B 122 -13.89 -31.12 9.90
CA MET B 122 -12.45 -31.22 10.05
C MET B 122 -12.00 -32.33 9.11
N CYS B 123 -11.00 -32.04 8.29
CA CYS B 123 -10.51 -32.99 7.29
C CYS B 123 -9.00 -33.03 7.45
N ARG B 124 -8.38 -34.00 6.80
CA ARG B 124 -6.94 -34.15 6.90
C ARG B 124 -6.32 -34.18 5.52
N VAL B 125 -5.16 -33.56 5.40
CA VAL B 125 -4.36 -33.56 4.16
C VAL B 125 -2.91 -33.96 4.49
N ALA B 126 -2.28 -34.70 3.59
CA ALA B 126 -0.92 -35.14 3.77
C ALA B 126 -0.06 -34.74 2.59
N GLY B 127 1.23 -34.52 2.84
CA GLY B 127 2.18 -34.37 1.76
C GLY B 127 3.62 -34.23 2.19
N TRP B 128 4.48 -34.11 1.18
CA TRP B 128 5.92 -33.95 1.36
C TRP B 128 6.34 -32.54 1.05
N GLY B 129 5.38 -31.61 1.03
CA GLY B 129 5.67 -30.22 0.71
C GLY B 129 6.46 -29.45 1.73
N ARG B 130 6.74 -28.19 1.41
CA ARG B 130 7.48 -27.27 2.27
C ARG B 130 6.77 -27.07 3.61
N THR B 131 7.57 -26.94 4.68
CA THR B 131 7.04 -26.86 6.06
C THR B 131 6.94 -25.40 6.55
N GLY B 132 7.23 -24.47 5.65
CA GLY B 132 7.08 -23.04 5.91
C GLY B 132 7.50 -22.30 4.66
N VAL B 133 7.28 -20.99 4.64
CA VAL B 133 7.52 -20.22 3.44
C VAL B 133 8.95 -20.44 2.86
N LEU B 134 9.96 -20.36 3.73
CA LEU B 134 11.36 -20.43 3.27
C LEU B 134 12.03 -21.78 3.50
N LYS B 135 11.24 -22.77 3.90
CA LYS B 135 11.75 -24.09 4.22
C LYS B 135 11.76 -24.97 2.99
N PRO B 136 12.66 -25.97 2.95
CA PRO B 136 12.59 -26.99 1.91
C PRO B 136 11.44 -27.99 2.15
N GLY B 137 11.16 -28.83 1.17
CA GLY B 137 10.19 -29.90 1.32
C GLY B 137 10.58 -30.87 2.41
N SER B 138 9.60 -31.54 2.98
CA SER B 138 9.80 -32.49 4.06
C SER B 138 10.27 -33.86 3.55
N ASP B 139 11.36 -34.37 4.14
CA ASP B 139 11.82 -35.71 3.77
C ASP B 139 10.75 -36.74 4.06
N THR B 140 10.00 -36.49 5.12
CA THR B 140 9.02 -37.47 5.56
C THR B 140 7.61 -36.95 5.29
N LEU B 141 6.69 -37.88 5.10
CA LEU B 141 5.29 -37.55 4.86
C LEU B 141 4.72 -36.90 6.12
N GLN B 142 4.15 -35.71 5.93
CA GLN B 142 3.46 -34.97 6.98
C GLN B 142 1.94 -34.97 6.79
N GLU B 143 1.20 -34.78 7.88
CA GLU B 143 -0.24 -34.60 7.79
C GLU B 143 -0.70 -33.48 8.71
N VAL B 144 -1.83 -32.87 8.37
CA VAL B 144 -2.41 -31.83 9.20
C VAL B 144 -3.92 -31.93 9.16
N LYS B 145 -4.55 -31.57 10.27
CA LYS B 145 -6.01 -31.53 10.33
C LYS B 145 -6.44 -30.09 10.12
N LEU B 146 -7.32 -29.88 9.16
CA LEU B 146 -7.75 -28.52 8.76
C LEU B 146 -9.28 -28.43 8.74
N ARG B 147 -9.80 -27.25 9.04
CA ARG B 147 -11.23 -27.02 9.03
C ARG B 147 -11.70 -26.58 7.65
N LEU B 148 -12.77 -27.17 7.13
CA LEU B 148 -13.47 -26.63 5.93
C LEU B 148 -14.18 -25.31 6.22
N MET B 149 -13.84 -24.26 5.48
CA MET B 149 -14.41 -22.96 5.80
C MET B 149 -15.58 -22.60 4.89
N ASP B 150 -16.41 -21.65 5.35
N ASP B 150 -16.41 -21.65 5.34
CA ASP B 150 -17.36 -21.00 4.46
CA ASP B 150 -17.36 -21.02 4.44
C ASP B 150 -16.59 -20.40 3.28
C ASP B 150 -16.58 -20.42 3.26
N PRO B 151 -17.19 -20.40 2.07
CA PRO B 151 -16.48 -19.91 0.87
C PRO B 151 -16.07 -18.43 0.97
N GLN B 152 -16.76 -17.67 1.82
CA GLN B 152 -16.40 -16.27 2.08
C GLN B 152 -15.00 -16.12 2.67
N ALA B 153 -14.53 -17.16 3.37
CA ALA B 153 -13.17 -17.10 3.95
C ALA B 153 -12.09 -17.05 2.86
N CYS B 154 -12.48 -17.35 1.62
CA CYS B 154 -11.54 -17.28 0.49
C CYS B 154 -11.90 -16.10 -0.46
N SER B 155 -12.65 -15.11 0.04
CA SER B 155 -13.10 -13.98 -0.82
C SER B 155 -11.93 -13.26 -1.50
N HIS B 156 -10.78 -13.21 -0.84
CA HIS B 156 -9.62 -12.46 -1.35
C HIS B 156 -9.04 -13.09 -2.63
N PHE B 157 -9.32 -14.37 -2.84
CA PHE B 157 -9.18 -14.96 -4.19
C PHE B 157 -10.45 -14.70 -5.00
N ARG B 158 -10.49 -13.63 -5.79
CA ARG B 158 -11.76 -13.20 -6.38
C ARG B 158 -12.45 -14.26 -7.23
N ASP B 159 -11.66 -15.05 -7.95
CA ASP B 159 -12.21 -16.08 -8.84
C ASP B 159 -12.63 -17.38 -8.13
N PHE B 160 -12.41 -17.46 -6.82
CA PHE B 160 -12.88 -18.62 -6.05
C PHE B 160 -14.37 -18.89 -6.31
N ASP B 161 -14.70 -20.17 -6.51
CA ASP B 161 -16.06 -20.59 -6.84
C ASP B 161 -16.43 -21.79 -5.95
N HIS B 162 -17.35 -21.56 -5.02
CA HIS B 162 -17.77 -22.57 -4.04
C HIS B 162 -18.18 -23.91 -4.69
N ASN B 163 -18.77 -23.84 -5.88
CA ASN B 163 -19.20 -25.05 -6.60
C ASN B 163 -18.04 -25.91 -7.08
N LEU B 164 -16.89 -25.27 -7.33
CA LEU B 164 -15.72 -25.94 -7.92
C LEU B 164 -14.59 -26.25 -6.92
N GLN B 165 -14.61 -25.59 -5.77
CA GLN B 165 -13.44 -25.49 -4.90
C GLN B 165 -13.86 -25.49 -3.45
N LEU B 166 -12.99 -26.01 -2.62
CA LEU B 166 -13.13 -25.96 -1.17
C LEU B 166 -12.19 -24.91 -0.59
N CYS B 167 -12.61 -24.28 0.51
CA CYS B 167 -11.84 -23.25 1.22
C CYS B 167 -11.39 -23.87 2.56
N VAL B 168 -10.08 -24.11 2.70
CA VAL B 168 -9.57 -25.08 3.70
C VAL B 168 -8.52 -24.48 4.64
N GLY B 169 -8.84 -24.46 5.93
CA GLY B 169 -7.89 -23.96 6.90
C GLY B 169 -8.39 -22.70 7.60
N ASN B 170 -8.57 -22.81 8.91
CA ASN B 170 -8.87 -21.66 9.76
C ASN B 170 -7.85 -20.54 9.61
N PRO B 171 -8.31 -19.32 9.28
CA PRO B 171 -7.31 -18.27 9.09
C PRO B 171 -6.64 -17.80 10.39
N ARG B 172 -7.28 -18.07 11.53
CA ARG B 172 -6.71 -17.75 12.85
C ARG B 172 -5.56 -18.70 13.24
N LYS B 173 -5.38 -19.79 12.50
CA LYS B 173 -4.25 -20.71 12.72
C LYS B 173 -3.23 -20.58 11.61
N THR B 174 -2.05 -21.18 11.83
CA THR B 174 -1.00 -21.17 10.81
C THR B 174 -0.99 -22.48 10.01
N LYS B 175 -1.70 -23.50 10.49
CA LYS B 175 -1.77 -24.83 9.85
C LYS B 175 -2.27 -24.71 8.42
N SER B 176 -1.53 -25.30 7.47
CA SER B 176 -1.96 -25.25 6.06
C SER B 176 -1.23 -26.25 5.16
N ALA B 177 -1.83 -26.61 4.03
CA ALA B 177 -1.07 -27.18 2.91
C ALA B 177 -0.27 -26.06 2.28
N PHE B 178 0.81 -26.40 1.57
CA PHE B 178 1.67 -25.38 0.98
C PHE B 178 2.40 -25.94 -0.24
N LYS B 179 3.36 -25.20 -0.80
CA LYS B 179 4.09 -25.64 -2.00
C LYS B 179 4.65 -27.02 -1.82
N GLY B 180 4.47 -27.85 -2.86
CA GLY B 180 4.89 -29.26 -2.85
C GLY B 180 3.82 -30.21 -2.37
N ASP B 181 2.80 -29.70 -1.68
CA ASP B 181 1.66 -30.52 -1.34
C ASP B 181 0.63 -30.61 -2.46
N SER B 182 0.74 -29.75 -3.46
CA SER B 182 -0.24 -29.74 -4.59
C SER B 182 -0.51 -31.14 -5.09
N GLY B 183 -1.77 -31.44 -5.38
CA GLY B 183 -2.17 -32.76 -5.89
C GLY B 183 -2.55 -33.74 -4.80
N GLY B 184 -2.13 -33.48 -3.56
CA GLY B 184 -2.48 -34.39 -2.46
C GLY B 184 -3.96 -34.32 -2.09
N PRO B 185 -4.48 -35.41 -1.49
CA PRO B 185 -5.88 -35.48 -1.10
C PRO B 185 -6.20 -34.82 0.24
N LEU B 186 -7.38 -34.23 0.29
CA LEU B 186 -7.99 -33.81 1.55
C LEU B 186 -9.01 -34.89 1.85
N LEU B 187 -8.82 -35.59 2.96
CA LEU B 187 -9.68 -36.70 3.33
C LEU B 187 -10.69 -36.24 4.36
N CYS B 188 -11.96 -36.51 4.12
CA CYS B 188 -12.99 -36.21 5.12
C CYS B 188 -13.74 -37.52 5.38
N ALA B 189 -13.65 -38.03 6.60
CA ALA B 189 -14.30 -39.30 6.92
C ALA B 189 -14.00 -40.39 5.87
N GLY B 190 -12.71 -40.63 5.61
CA GLY B 190 -12.27 -41.76 4.80
C GLY B 190 -12.21 -41.55 3.29
N VAL B 191 -12.81 -40.46 2.81
CA VAL B 191 -13.00 -40.25 1.36
C VAL B 191 -12.28 -38.98 0.92
N ALA B 192 -11.56 -39.08 -0.21
CA ALA B 192 -10.90 -37.94 -0.81
C ALA B 192 -11.97 -36.97 -1.29
N GLN B 193 -11.97 -35.77 -0.73
CA GLN B 193 -12.97 -34.78 -1.13
C GLN B 193 -12.34 -33.54 -1.80
N GLY B 194 -11.05 -33.39 -1.63
CA GLY B 194 -10.39 -32.19 -2.10
C GLY B 194 -9.06 -32.59 -2.69
N ILE B 195 -8.53 -31.74 -3.55
CA ILE B 195 -7.15 -31.88 -4.04
C ILE B 195 -6.45 -30.53 -3.78
N VAL B 196 -5.24 -30.55 -3.19
CA VAL B 196 -4.53 -29.31 -2.93
C VAL B 196 -4.29 -28.59 -4.28
N SER B 197 -4.69 -27.33 -4.37
CA SER B 197 -4.52 -26.56 -5.59
C SER B 197 -3.56 -25.38 -5.39
N TYR B 198 -3.92 -24.39 -4.58
CA TYR B 198 -3.04 -23.24 -4.36
C TYR B 198 -3.40 -22.52 -3.07
N GLY B 199 -2.58 -21.57 -2.67
CA GLY B 199 -2.89 -20.69 -1.54
C GLY B 199 -2.07 -19.44 -1.66
N ARG B 200 -2.09 -18.62 -0.61
CA ARG B 200 -1.37 -17.37 -0.62
C ARG B 200 0.15 -17.62 -0.61
N SER B 201 0.89 -16.75 -1.28
CA SER B 201 2.35 -16.81 -1.29
C SER B 201 2.94 -16.82 0.11
N ASP B 202 2.31 -16.07 1.00
CA ASP B 202 2.77 -15.96 2.40
C ASP B 202 2.28 -17.09 3.32
N ALA B 203 1.68 -18.13 2.73
CA ALA B 203 1.22 -19.37 3.40
C ALA B 203 0.07 -19.22 4.41
N LYS B 204 -0.51 -18.04 4.50
CA LYS B 204 -1.60 -17.80 5.45
C LYS B 204 -2.89 -18.48 4.97
N PRO B 205 -3.43 -19.42 5.77
CA PRO B 205 -4.64 -20.10 5.34
C PRO B 205 -5.86 -19.16 5.32
N PRO B 206 -6.94 -19.57 4.66
CA PRO B 206 -7.22 -20.83 3.99
C PRO B 206 -6.52 -20.98 2.63
N ALA B 207 -6.37 -22.24 2.21
CA ALA B 207 -5.87 -22.57 0.89
C ALA B 207 -7.03 -23.14 0.08
N VAL B 208 -6.84 -23.20 -1.24
CA VAL B 208 -7.89 -23.57 -2.18
C VAL B 208 -7.63 -25.00 -2.66
N PHE B 209 -8.66 -25.84 -2.54
CA PHE B 209 -8.62 -27.24 -2.98
C PHE B 209 -9.66 -27.45 -4.07
N THR B 210 -9.35 -28.33 -5.02
CA THR B 210 -10.35 -28.70 -6.03
C THR B 210 -11.44 -29.55 -5.34
N ARG B 211 -12.71 -29.23 -5.58
CA ARG B 211 -13.81 -30.00 -4.98
C ARG B 211 -14.06 -31.22 -5.83
N ILE B 212 -13.58 -32.39 -5.38
CA ILE B 212 -13.61 -33.59 -6.21
C ILE B 212 -15.02 -33.99 -6.70
N SER B 213 -16.01 -33.93 -5.82
CA SER B 213 -17.38 -34.35 -6.17
C SER B 213 -17.86 -33.71 -7.49
N HIS B 214 -17.48 -32.46 -7.73
CA HIS B 214 -17.91 -31.76 -8.93
C HIS B 214 -17.42 -32.44 -10.22
N TYR B 215 -16.29 -33.15 -10.12
CA TYR B 215 -15.59 -33.74 -11.28
C TYR B 215 -15.80 -35.23 -11.40
N ARG B 216 -16.66 -35.78 -10.56
CA ARG B 216 -16.93 -37.23 -10.62
C ARG B 216 -17.33 -37.73 -12.03
N PRO B 217 -18.17 -36.98 -12.77
CA PRO B 217 -18.52 -37.51 -14.10
C PRO B 217 -17.32 -37.58 -15.02
N TRP B 218 -16.49 -36.52 -15.04
CA TRP B 218 -15.30 -36.49 -15.87
C TRP B 218 -14.35 -37.62 -15.48
N ILE B 219 -14.15 -37.79 -14.17
CA ILE B 219 -13.30 -38.89 -13.66
C ILE B 219 -13.82 -40.25 -14.14
N ASN B 220 -15.13 -40.50 -14.02
CA ASN B 220 -15.73 -41.73 -14.56
C ASN B 220 -15.46 -41.93 -16.05
N GLN B 221 -15.65 -40.88 -16.83
CA GLN B 221 -15.46 -40.92 -18.26
C GLN B 221 -14.06 -41.45 -18.59
N ILE B 222 -13.04 -40.86 -17.97
CA ILE B 222 -11.65 -41.27 -18.18
C ILE B 222 -11.41 -42.74 -17.78
N LEU B 223 -11.80 -43.11 -16.57
CA LEU B 223 -11.58 -44.45 -16.05
C LEU B 223 -12.36 -45.53 -16.81
N GLN B 224 -13.63 -45.26 -17.10
CA GLN B 224 -14.49 -46.25 -17.75
C GLN B 224 -14.05 -46.54 -19.17
N ALA B 225 -13.06 -45.77 -19.64
CA ALA B 225 -12.52 -45.89 -20.99
C ALA B 225 -11.01 -46.12 -20.97
N ASN B 226 -10.52 -46.60 -19.83
CA ASN B 226 -9.08 -46.80 -19.58
C ASN B 226 -8.81 -47.87 -18.51
N VAL C 6 21.42 32.29 -12.12
CA VAL C 6 21.06 33.05 -10.88
C VAL C 6 22.31 33.64 -10.21
N THR C 7 22.17 34.84 -9.65
CA THR C 7 23.27 35.48 -8.96
C THR C 7 23.17 35.17 -7.46
N LEU C 8 24.30 34.84 -6.85
CA LEU C 8 24.29 34.42 -5.47
C LEU C 8 24.52 35.63 -4.60
N PHE C 9 24.01 35.55 -3.37
CA PHE C 9 24.23 36.58 -2.36
C PHE C 9 24.95 35.98 -1.18
N VAL C 10 25.74 36.79 -0.52
CA VAL C 10 26.55 36.38 0.62
C VAL C 10 26.26 37.20 1.89
N ALA C 11 26.10 36.52 3.03
CA ALA C 11 25.89 37.20 4.31
C ALA C 11 27.11 37.98 4.81
N LEU C 12 26.89 39.24 5.14
CA LEU C 12 27.94 40.11 5.64
C LEU C 12 28.04 40.05 7.17
N TYR C 13 27.01 39.49 7.82
CA TYR C 13 26.96 39.42 9.28
C TYR C 13 26.20 38.15 9.65
N ASP C 14 26.33 37.70 10.90
CA ASP C 14 25.45 36.63 11.40
C ASP C 14 24.07 37.21 11.65
N TYR C 15 23.04 36.39 11.56
CA TYR C 15 21.69 36.85 11.98
C TYR C 15 20.96 35.73 12.69
N ASN C 16 20.32 36.04 13.82
CA ASN C 16 19.47 35.08 14.51
C ASN C 16 17.99 35.40 14.35
N ALA C 17 17.24 34.44 13.81
CA ALA C 17 15.81 34.62 13.62
C ALA C 17 15.09 35.08 14.89
N THR C 18 14.12 35.98 14.75
CA THR C 18 13.27 36.34 15.88
C THR C 18 11.83 35.91 15.61
N ARG C 19 11.50 35.75 14.33
CA ARG C 19 10.18 35.28 13.88
C ARG C 19 10.41 33.99 13.12
N TRP C 20 9.43 33.06 13.19
N TRP C 20 9.46 33.04 13.21
CA TRP C 20 9.59 31.73 12.60
CA TRP C 20 9.70 31.74 12.59
C TRP C 20 9.64 31.77 11.07
C TRP C 20 9.51 31.73 11.06
N THR C 21 9.22 32.91 10.52
CA THR C 21 9.24 33.15 9.06
C THR C 21 10.64 33.66 8.59
N ASP C 22 11.54 33.94 9.55
CA ASP C 22 12.93 34.38 9.26
C ASP C 22 13.79 33.16 8.92
N LEU C 23 14.93 33.42 8.27
CA LEU C 23 16.06 32.50 8.32
C LEU C 23 17.08 33.00 9.33
N SER C 24 17.70 32.08 10.05
CA SER C 24 18.99 32.40 10.72
C SER C 24 20.12 32.12 9.76
N PHE C 25 21.27 32.79 9.94
CA PHE C 25 22.44 32.56 9.08
C PHE C 25 23.76 33.09 9.67
N HIS C 26 24.89 32.68 9.09
CA HIS C 26 26.20 33.15 9.54
C HIS C 26 26.91 33.90 8.45
N LYS C 27 27.78 34.83 8.85
CA LYS C 27 28.64 35.56 7.91
C LYS C 27 29.29 34.56 6.96
N GLY C 28 29.25 34.83 5.65
CA GLY C 28 29.81 33.92 4.65
C GLY C 28 28.84 32.97 4.00
N GLU C 29 27.69 32.77 4.62
CA GLU C 29 26.69 31.90 4.07
C GLU C 29 26.17 32.46 2.74
N LYS C 30 25.85 31.58 1.79
CA LYS C 30 25.38 32.04 0.49
C LYS C 30 23.93 31.71 0.26
N PHE C 31 23.24 32.56 -0.49
CA PHE C 31 21.80 32.41 -0.72
C PHE C 31 21.43 32.60 -2.18
N GLN C 32 20.36 31.95 -2.57
CA GLN C 32 19.61 32.35 -3.75
C GLN C 32 18.41 33.19 -3.27
N ILE C 33 18.14 34.29 -3.94
CA ILE C 33 17.03 35.16 -3.54
C ILE C 33 15.77 34.75 -4.30
N LEU C 34 14.73 34.38 -3.57
CA LEU C 34 13.48 33.92 -4.16
C LEU C 34 12.48 35.06 -4.33
N ASP C 35 12.47 36.03 -3.41
CA ASP C 35 11.59 37.21 -3.52
C ASP C 35 12.28 38.40 -2.87
N GLY C 36 12.93 39.22 -3.68
CA GLY C 36 13.52 40.47 -3.21
C GLY C 36 12.75 41.70 -3.66
N ASP C 37 11.50 41.52 -4.07
CA ASP C 37 10.73 42.60 -4.73
C ASP C 37 9.48 43.05 -4.00
N SER C 38 9.32 42.62 -2.75
CA SER C 38 8.08 42.86 -2.02
C SER C 38 8.33 43.50 -0.64
N GLY C 39 9.48 44.16 -0.51
CA GLY C 39 9.86 44.78 0.75
C GLY C 39 11.33 44.57 1.06
N ASP C 40 11.77 45.19 2.14
CA ASP C 40 13.20 45.23 2.47
C ASP C 40 13.73 43.98 3.19
N TRP C 41 12.83 43.06 3.53
CA TRP C 41 13.24 41.70 3.86
C TRP C 41 13.03 40.81 2.65
N TRP C 42 14.01 39.97 2.35
CA TRP C 42 13.99 39.21 1.10
C TRP C 42 13.80 37.74 1.41
N GLU C 43 12.94 37.06 0.66
CA GLU C 43 12.80 35.61 0.86
C GLU C 43 14.01 34.97 0.22
N ALA C 44 14.75 34.16 0.99
CA ALA C 44 16.01 33.62 0.53
C ALA C 44 16.08 32.12 0.80
N ARG C 45 16.87 31.41 0.01
CA ARG C 45 17.13 29.98 0.24
C ARG C 45 18.61 29.84 0.50
N SER C 46 18.95 29.26 1.65
CA SER C 46 20.34 29.08 2.02
C SER C 46 20.97 27.96 1.21
N LEU C 47 22.10 28.23 0.57
CA LEU C 47 22.86 27.16 -0.09
C LEU C 47 23.58 26.21 0.89
N THR C 48 23.80 26.66 2.12
CA THR C 48 24.32 25.78 3.17
C THR C 48 23.27 24.80 3.70
N THR C 49 22.06 25.28 3.99
CA THR C 49 21.05 24.45 4.69
C THR C 49 19.88 24.00 3.82
N GLY C 50 19.62 24.72 2.75
CA GLY C 50 18.46 24.45 1.93
C GLY C 50 17.15 24.96 2.53
N GLU C 51 17.23 25.67 3.66
CA GLU C 51 16.03 26.27 4.28
C GLU C 51 15.71 27.61 3.58
N THR C 52 14.42 27.97 3.60
CA THR C 52 13.91 29.18 2.98
CA THR C 52 13.94 29.22 3.01
C THR C 52 13.30 30.07 4.07
N GLY C 53 13.49 31.40 3.97
CA GLY C 53 12.84 32.32 4.90
C GLY C 53 13.24 33.74 4.59
N TYR C 54 12.76 34.67 5.40
CA TYR C 54 13.07 36.08 5.21
C TYR C 54 14.38 36.51 5.89
N ILE C 55 15.16 37.32 5.19
CA ILE C 55 16.36 37.88 5.76
C ILE C 55 16.34 39.40 5.54
N PRO C 56 16.99 40.14 6.44
CA PRO C 56 17.05 41.57 6.23
C PRO C 56 18.03 41.85 5.08
N SER C 57 17.57 42.64 4.09
CA SER C 57 18.31 42.80 2.82
C SER C 57 19.70 43.40 3.01
N ASN C 58 19.86 44.21 4.06
CA ASN C 58 21.17 44.86 4.29
C ASN C 58 22.24 43.91 4.85
N TYR C 59 21.84 42.67 5.17
CA TYR C 59 22.78 41.71 5.75
C TYR C 59 23.50 40.89 4.69
N VAL C 60 23.15 41.10 3.41
CA VAL C 60 23.74 40.34 2.30
C VAL C 60 24.20 41.28 1.18
N ALA C 61 25.08 40.80 0.34
CA ALA C 61 25.56 41.52 -0.83
C ALA C 61 25.74 40.50 -1.95
N PRO C 62 25.70 40.95 -3.23
CA PRO C 62 25.90 40.00 -4.32
C PRO C 62 27.30 39.37 -4.23
N VAL C 63 27.41 38.08 -4.52
CA VAL C 63 28.70 37.39 -4.43
C VAL C 63 29.73 37.91 -5.44
N THR D 7 12.02 -19.98 -28.30
CA THR D 7 12.69 -18.70 -27.90
C THR D 7 12.51 -18.38 -26.40
N LEU D 8 13.37 -17.52 -25.87
CA LEU D 8 13.31 -17.11 -24.47
C LEU D 8 12.45 -15.86 -24.34
N PHE D 9 11.92 -15.62 -23.14
CA PHE D 9 11.16 -14.40 -22.86
C PHE D 9 11.85 -13.57 -21.80
N VAL D 10 11.57 -12.27 -21.79
CA VAL D 10 12.18 -11.36 -20.83
C VAL D 10 11.09 -10.57 -20.09
N ALA D 11 11.28 -10.35 -18.80
CA ALA D 11 10.30 -9.61 -17.99
C ALA D 11 10.33 -8.12 -18.31
N LEU D 12 9.15 -7.55 -18.62
CA LEU D 12 9.02 -6.14 -18.91
C LEU D 12 8.79 -5.34 -17.65
N TYR D 13 8.44 -6.04 -16.56
CA TYR D 13 8.11 -5.42 -15.27
C TYR D 13 8.42 -6.40 -14.14
N ASP D 14 8.59 -5.89 -12.91
CA ASP D 14 8.65 -6.75 -11.73
C ASP D 14 7.26 -7.35 -11.51
N TYR D 15 7.22 -8.57 -10.97
CA TYR D 15 5.97 -9.15 -10.50
C TYR D 15 6.21 -9.85 -9.16
N ASN D 16 5.42 -9.53 -8.14
CA ASN D 16 5.46 -10.24 -6.87
C ASN D 16 4.32 -11.24 -6.76
N ALA D 17 4.65 -12.51 -6.52
CA ALA D 17 3.65 -13.58 -6.45
C ALA D 17 2.58 -13.28 -5.38
N THR D 18 1.33 -13.60 -5.68
CA THR D 18 0.24 -13.54 -4.70
C THR D 18 -0.24 -14.96 -4.33
N ARG D 19 -0.09 -15.91 -5.26
CA ARG D 19 -0.38 -17.34 -5.03
C ARG D 19 0.92 -18.11 -5.05
N TRP D 20 1.00 -19.17 -4.25
N TRP D 20 1.05 -19.16 -4.24
CA TRP D 20 2.23 -19.97 -4.18
CA TRP D 20 2.31 -19.92 -4.22
C TRP D 20 2.59 -20.67 -5.50
C TRP D 20 2.53 -20.85 -5.44
N THR D 21 1.60 -20.80 -6.38
CA THR D 21 1.77 -21.39 -7.71
C THR D 21 2.36 -20.40 -8.72
N ASP D 22 2.40 -19.11 -8.33
CA ASP D 22 2.98 -18.06 -9.17
C ASP D 22 4.52 -18.18 -9.14
N LEU D 23 5.16 -17.58 -10.15
CA LEU D 23 6.59 -17.30 -10.11
C LEU D 23 6.76 -15.78 -9.94
N SER D 24 7.45 -15.35 -8.87
CA SER D 24 7.88 -13.92 -8.72
C SER D 24 9.07 -13.64 -9.66
N PHE D 25 9.26 -12.38 -10.06
CA PHE D 25 10.43 -12.00 -10.90
C PHE D 25 10.70 -10.50 -10.92
N HIS D 26 11.87 -10.13 -11.43
CA HIS D 26 12.20 -8.73 -11.62
C HIS D 26 12.29 -8.41 -13.10
N LYS D 27 12.06 -7.15 -13.44
CA LYS D 27 12.25 -6.68 -14.80
C LYS D 27 13.63 -7.13 -15.31
N GLY D 28 13.73 -7.52 -16.57
CA GLY D 28 15.01 -7.94 -17.15
C GLY D 28 15.29 -9.44 -17.03
N GLU D 29 14.65 -10.09 -16.07
CA GLU D 29 14.75 -11.55 -15.90
C GLU D 29 14.34 -12.30 -17.17
N LYS D 30 14.99 -13.41 -17.44
CA LYS D 30 14.71 -14.19 -18.63
C LYS D 30 14.07 -15.51 -18.22
N PHE D 31 13.22 -16.05 -19.09
CA PHE D 31 12.49 -17.29 -18.78
C PHE D 31 12.48 -18.20 -19.95
N GLN D 32 12.43 -19.48 -19.66
CA GLN D 32 12.05 -20.47 -20.62
C GLN D 32 10.58 -20.79 -20.34
N ILE D 33 9.74 -20.79 -21.37
CA ILE D 33 8.32 -21.09 -21.19
C ILE D 33 8.11 -22.60 -21.23
N LEU D 34 7.58 -23.16 -20.14
CA LEU D 34 7.29 -24.59 -20.06
C LEU D 34 5.93 -24.93 -20.65
N ASP D 35 4.94 -24.13 -20.32
CA ASP D 35 3.58 -24.35 -20.78
C ASP D 35 2.93 -23.00 -21.02
N GLY D 36 2.87 -22.60 -22.29
CA GLY D 36 2.11 -21.40 -22.67
C GLY D 36 0.72 -21.67 -23.23
N ASP D 37 0.35 -22.95 -23.38
CA ASP D 37 -0.83 -23.32 -24.14
C ASP D 37 -2.11 -23.58 -23.34
N SER D 38 -2.11 -23.31 -22.05
CA SER D 38 -3.32 -23.64 -21.27
C SER D 38 -4.06 -22.44 -20.68
N GLY D 39 -3.74 -21.24 -21.16
CA GLY D 39 -4.37 -20.02 -20.64
C GLY D 39 -3.43 -18.82 -20.75
N ASP D 40 -3.84 -17.70 -20.19
CA ASP D 40 -3.09 -16.46 -20.32
C ASP D 40 -2.00 -16.26 -19.28
N TRP D 41 -1.90 -17.17 -18.31
CA TRP D 41 -0.71 -17.25 -17.48
C TRP D 41 0.09 -18.43 -17.97
N TRP D 42 1.39 -18.23 -18.11
CA TRP D 42 2.22 -19.29 -18.62
C TRP D 42 3.07 -19.88 -17.52
N GLU D 43 3.23 -21.20 -17.54
CA GLU D 43 4.19 -21.84 -16.64
C GLU D 43 5.59 -21.58 -17.21
N ALA D 44 6.45 -21.02 -16.39
CA ALA D 44 7.76 -20.59 -16.86
C ALA D 44 8.85 -21.04 -15.92
N ARG D 45 10.07 -21.17 -16.43
CA ARG D 45 11.23 -21.37 -15.56
C ARG D 45 12.08 -20.11 -15.59
N SER D 46 12.36 -19.51 -14.43
CA SER D 46 13.26 -18.34 -14.39
C SER D 46 14.66 -18.84 -14.67
N LEU D 47 15.33 -18.26 -15.65
CA LEU D 47 16.74 -18.61 -15.90
C LEU D 47 17.66 -18.02 -14.83
N THR D 48 17.20 -16.96 -14.18
CA THR D 48 17.93 -16.29 -13.11
C THR D 48 17.90 -17.03 -11.78
N THR D 49 16.74 -17.60 -11.41
CA THR D 49 16.61 -18.17 -10.07
C THR D 49 16.44 -19.69 -10.08
N GLY D 50 16.13 -20.24 -11.25
CA GLY D 50 15.82 -21.66 -11.38
C GLY D 50 14.41 -22.04 -10.94
N GLU D 51 13.66 -21.10 -10.42
CA GLU D 51 12.30 -21.34 -9.88
C GLU D 51 11.30 -21.47 -11.03
N THR D 52 10.21 -22.19 -10.76
CA THR D 52 9.19 -22.49 -11.74
C THR D 52 7.85 -22.04 -11.17
N GLY D 53 6.98 -21.57 -12.03
CA GLY D 53 5.62 -21.23 -11.61
C GLY D 53 4.95 -20.44 -12.69
N TYR D 54 3.74 -19.98 -12.41
CA TYR D 54 2.94 -19.24 -13.41
C TYR D 54 3.25 -17.75 -13.44
N ILE D 55 3.31 -17.20 -14.64
CA ILE D 55 3.52 -15.77 -14.81
C ILE D 55 2.40 -15.19 -15.70
N PRO D 56 2.02 -13.92 -15.49
CA PRO D 56 1.04 -13.29 -16.41
C PRO D 56 1.71 -13.03 -17.74
N SER D 57 1.09 -13.47 -18.84
CA SER D 57 1.81 -13.44 -20.13
C SER D 57 2.12 -12.03 -20.63
N ASN D 58 1.32 -11.05 -20.20
CA ASN D 58 1.52 -9.68 -20.64
C ASN D 58 2.70 -8.99 -19.94
N TYR D 59 3.35 -9.66 -18.99
CA TYR D 59 4.47 -9.07 -18.27
C TYR D 59 5.80 -9.44 -18.95
N VAL D 60 5.72 -10.21 -20.02
CA VAL D 60 6.94 -10.68 -20.73
C VAL D 60 6.85 -10.47 -22.23
N ALA D 61 8.01 -10.47 -22.89
CA ALA D 61 8.08 -10.34 -24.35
C ALA D 61 9.21 -11.25 -24.85
N PRO D 62 9.12 -11.71 -26.13
CA PRO D 62 10.17 -12.55 -26.71
C PRO D 62 11.52 -11.86 -26.63
N VAL D 63 12.60 -12.61 -26.42
CA VAL D 63 13.94 -12.03 -26.41
C VAL D 63 14.31 -11.53 -27.83
N ASP D 64 13.97 -12.34 -28.83
CA ASP D 64 14.21 -12.03 -30.26
C ASP D 64 14.72 -10.62 -30.52
#